data_4WZ3
#
_entry.id   4WZ3
#
_cell.length_a   119.293
_cell.length_b   119.293
_cell.length_c   49.809
_cell.angle_alpha   90.00
_cell.angle_beta   90.00
_cell.angle_gamma   120.00
#
_symmetry.space_group_name_H-M   'P 61'
#
loop_
_entity.id
_entity.type
_entity.pdbx_description
1 polymer 'Ubiquitin-conjugating enzyme E2 D2'
2 polymer 'E3 ubiquitin-protein ligase LubX'
3 water water
#
loop_
_entity_poly.entity_id
_entity_poly.type
_entity_poly.pdbx_seq_one_letter_code
_entity_poly.pdbx_strand_id
1 'polypeptide(L)'
;GMALKRIHKELNDLARDPPAQCSAGPVGDDMFHWQATIMGPNDSPYQGGVFFLTIHFPTDYPFKPPKVAFTTRIYHPNIN
SNGSISLDILRSQWSPALTISKVLLSICSLLCDPNPDDPLVPEIARIYKTDREKYNRIAREWTQKYAM
;
A
2 'polypeptide(L)'
;(MSE)ATRNPFDIDHKSKYLREAALEANLSHPETTPT(MSE)LTCPIDSGFLKDPVITPEGFVYNKSSILKWLETKKEDP
QSRKPLTAKDLQPFPELLIIVNRFVETQTNYEKLKNRLVQNARVAARQKEYTEIPDIFLCPISKTLIKTPVITAQGKVYD
QEALSNFLIATGNKDETGKKLSIDDVVVFDELYQQIKVYNFYRKREVQKNQIQPSVSNGFGFF
;
B
#
# COMPACT_ATOMS: atom_id res chain seq x y z
N GLY A 1 3.78 9.90 13.66
CA GLY A 1 4.72 10.91 13.22
C GLY A 1 6.08 10.73 13.89
N MET A 2 7.06 10.28 13.11
CA MET A 2 6.85 9.91 11.72
C MET A 2 6.38 8.46 11.60
N ALA A 3 6.79 7.66 12.57
CA ALA A 3 6.45 6.23 12.61
C ALA A 3 4.94 6.01 12.51
N LEU A 4 4.19 6.63 13.42
CA LEU A 4 2.74 6.45 13.45
C LEU A 4 2.11 6.91 12.15
N LYS A 5 2.62 8.03 11.63
CA LYS A 5 2.14 8.61 10.39
C LYS A 5 2.24 7.61 9.24
N ARG A 6 3.39 6.96 9.12
CA ARG A 6 3.60 6.00 8.05
C ARG A 6 2.82 4.70 8.24
N ILE A 7 2.76 4.21 9.47
CA ILE A 7 2.02 3.00 9.78
C ILE A 7 0.56 3.12 9.33
N HIS A 8 -0.06 4.25 9.66
CA HIS A 8 -1.43 4.50 9.22
C HIS A 8 -1.56 4.51 7.70
N LYS A 9 -0.61 5.17 7.04
CA LYS A 9 -0.60 5.21 5.58
C LYS A 9 -0.51 3.81 4.97
N GLU A 10 0.36 2.97 5.55
CA GLU A 10 0.58 1.62 5.04
C GLU A 10 -0.64 0.74 5.26
N LEU A 11 -1.35 0.98 6.37
CA LEU A 11 -2.59 0.27 6.65
C LEU A 11 -3.64 0.57 5.58
N ASN A 12 -3.80 1.84 5.24
CA ASN A 12 -4.80 2.26 4.27
C ASN A 12 -4.49 1.80 2.86
N ASP A 13 -3.22 1.60 2.56
CA ASP A 13 -2.82 1.08 1.26
C ASP A 13 -3.28 -0.37 1.12
N LEU A 14 -3.34 -1.06 2.26
CA LEU A 14 -3.78 -2.45 2.29
C LEU A 14 -5.30 -2.56 2.48
N ALA A 15 -5.98 -1.45 2.22
CA ALA A 15 -7.44 -1.42 2.25
C ALA A 15 -7.98 -1.46 0.83
N ARG A 16 -7.13 -1.09 -0.12
CA ARG A 16 -7.45 -1.17 -1.53
C ARG A 16 -6.65 -2.28 -2.18
N ASP A 17 -5.34 -2.26 -1.97
CA ASP A 17 -4.46 -3.23 -2.63
C ASP A 17 -3.69 -4.15 -1.67
N PRO A 18 -4.46 -5.10 -1.12
CA PRO A 18 -4.02 -6.12 -0.17
C PRO A 18 -3.13 -7.08 -0.89
N PRO A 19 -2.07 -7.57 -0.28
CA PRO A 19 -1.13 -8.42 -1.02
C PRO A 19 -1.78 -9.74 -1.43
N ALA A 20 -1.46 -10.30 -2.60
CA ALA A 20 -2.20 -11.50 -3.06
C ALA A 20 -2.04 -12.79 -2.24
N GLN A 21 -0.80 -13.16 -1.90
CA GLN A 21 -0.57 -14.20 -0.91
C GLN A 21 -0.26 -13.69 0.50
N CYS A 22 -0.87 -12.56 0.88
CA CYS A 22 -0.67 -12.01 2.21
C CYS A 22 -1.95 -11.37 2.75
N SER A 23 -1.91 -10.97 4.03
CA SER A 23 -3.02 -10.32 4.71
C SER A 23 -2.54 -9.78 6.05
N ALA A 24 -2.58 -8.46 6.21
CA ALA A 24 -1.99 -7.83 7.40
C ALA A 24 -3.00 -7.03 8.22
N GLY A 25 -2.50 -6.20 9.14
CA GLY A 25 -3.34 -5.41 10.01
C GLY A 25 -2.95 -5.49 11.47
N PRO A 26 -3.36 -4.52 12.28
CA PRO A 26 -3.11 -4.50 13.71
C PRO A 26 -3.95 -5.41 14.60
N VAL A 27 -3.31 -5.93 15.63
CA VAL A 27 -3.91 -6.88 16.54
C VAL A 27 -5.07 -6.22 17.23
N GLY A 28 -4.79 -5.02 17.72
CA GLY A 28 -5.76 -4.05 18.19
C GLY A 28 -4.94 -2.82 18.45
N ASP A 29 -5.56 -1.67 18.68
CA ASP A 29 -4.85 -0.58 19.34
C ASP A 29 -4.07 -1.15 20.52
N ASP A 30 -2.74 -1.24 20.49
CA ASP A 30 -1.75 -0.51 19.66
C ASP A 30 -1.74 -0.62 18.13
N MET A 31 -1.19 0.42 17.49
CA MET A 31 -0.93 0.46 16.07
C MET A 31 0.50 0.03 15.72
N PHE A 32 1.39 0.05 16.71
CA PHE A 32 2.78 -0.34 16.50
C PHE A 32 2.97 -1.85 16.59
N HIS A 33 1.89 -2.57 16.89
CA HIS A 33 1.94 -4.02 17.02
C HIS A 33 0.90 -4.68 16.11
N TRP A 34 1.38 -5.17 14.97
CA TRP A 34 0.51 -5.81 13.98
C TRP A 34 0.53 -7.33 14.04
N GLN A 35 -0.37 -7.94 13.29
CA GLN A 35 -0.35 -9.37 13.06
C GLN A 35 -0.73 -9.63 11.61
N ALA A 36 0.07 -10.44 10.92
CA ALA A 36 -0.15 -10.68 9.51
C ALA A 36 -0.36 -12.16 9.22
N THR A 37 -0.82 -12.43 8.00
CA THR A 37 -1.09 -13.78 7.55
C THR A 37 -0.57 -13.98 6.14
N ILE A 38 0.32 -14.94 5.97
CA ILE A 38 0.76 -15.30 4.64
C ILE A 38 0.37 -16.73 4.32
N MET A 39 0.16 -16.99 3.04
CA MET A 39 -0.19 -18.31 2.55
C MET A 39 1.07 -18.99 2.03
N GLY A 40 1.09 -20.32 2.06
CA GLY A 40 2.24 -21.07 1.57
C GLY A 40 2.21 -21.08 0.06
N PRO A 41 3.33 -20.68 -0.57
CA PRO A 41 3.40 -20.60 -2.03
C PRO A 41 3.14 -21.93 -2.72
N ASN A 42 2.66 -21.87 -3.97
CA ASN A 42 2.44 -23.10 -4.75
C ASN A 42 3.77 -23.72 -5.14
N ASP A 43 3.76 -25.04 -5.32
CA ASP A 43 4.94 -25.83 -5.70
C ASP A 43 5.99 -25.87 -4.60
N SER A 44 5.68 -25.23 -3.47
CA SER A 44 6.53 -25.29 -2.29
C SER A 44 5.87 -26.23 -1.28
N PRO A 45 6.66 -26.84 -0.38
CA PRO A 45 6.08 -27.78 0.58
C PRO A 45 5.10 -27.10 1.55
N TYR A 46 5.05 -25.77 1.50
CA TYR A 46 4.19 -25.02 2.39
C TYR A 46 2.85 -24.69 1.73
N GLN A 47 2.66 -25.19 0.52
CA GLN A 47 1.43 -24.97 -0.22
C GLN A 47 0.21 -25.40 0.58
N GLY A 48 -0.84 -24.59 0.54
CA GLY A 48 -2.08 -24.91 1.24
C GLY A 48 -1.93 -24.81 2.74
N GLY A 49 -1.11 -23.86 3.17
CA GLY A 49 -0.89 -23.65 4.60
C GLY A 49 -0.88 -22.17 4.95
N VAL A 50 -1.77 -21.77 5.85
CA VAL A 50 -1.81 -20.39 6.32
C VAL A 50 -0.89 -20.18 7.52
N PHE A 51 0.04 -19.26 7.39
CA PHE A 51 1.01 -19.00 8.46
C PHE A 51 0.79 -17.63 9.09
N PHE A 52 0.96 -17.56 10.41
CA PHE A 52 0.73 -16.31 11.12
C PHE A 52 2.04 -15.64 11.53
N LEU A 53 2.07 -14.32 11.40
CA LEU A 53 3.25 -13.53 11.69
C LEU A 53 2.95 -12.43 12.70
N THR A 54 3.88 -12.17 13.60
CA THR A 54 3.77 -11.03 14.49
C THR A 54 4.66 -9.89 13.99
N ILE A 55 4.18 -8.67 14.08
CA ILE A 55 4.94 -7.52 13.57
C ILE A 55 5.01 -6.38 14.59
N HIS A 56 6.22 -6.02 14.99
CA HIS A 56 6.41 -4.90 15.90
CA HIS A 56 6.44 -4.91 15.91
C HIS A 56 7.21 -3.79 15.23
N PHE A 57 6.57 -2.63 15.08
CA PHE A 57 7.27 -1.46 14.53
C PHE A 57 8.07 -0.77 15.62
N PRO A 58 9.34 -0.44 15.32
CA PRO A 58 10.13 0.33 16.27
C PRO A 58 9.64 1.78 16.34
N THR A 59 10.09 2.51 17.34
CA THR A 59 9.64 3.88 17.53
C THR A 59 10.19 4.81 16.46
N ASP A 60 11.35 4.47 15.91
CA ASP A 60 11.98 5.29 14.88
C ASP A 60 11.76 4.70 13.48
N TYR A 61 10.66 3.96 13.33
CA TYR A 61 10.19 3.53 12.01
C TYR A 61 9.93 4.77 11.16
N PRO A 62 10.25 4.72 9.85
CA PRO A 62 10.75 3.59 9.05
C PRO A 62 12.26 3.59 8.85
N PHE A 63 13.01 4.21 9.75
CA PHE A 63 14.47 4.27 9.59
C PHE A 63 15.12 3.01 10.18
N LYS A 64 14.34 2.27 10.96
CA LYS A 64 14.76 0.96 11.43
C LYS A 64 13.71 -0.06 10.98
N PRO A 65 14.14 -1.31 10.73
CA PRO A 65 13.21 -2.31 10.21
C PRO A 65 12.19 -2.75 11.25
N PRO A 66 11.03 -3.24 10.81
CA PRO A 66 10.06 -3.80 11.76
C PRO A 66 10.56 -5.14 12.27
N LYS A 67 10.20 -5.51 13.49
CA LYS A 67 10.52 -6.85 13.97
C LYS A 67 9.41 -7.81 13.54
N VAL A 68 9.78 -8.79 12.72
CA VAL A 68 8.84 -9.74 12.16
C VAL A 68 9.23 -11.17 12.50
N ALA A 69 8.29 -11.94 13.05
CA ALA A 69 8.54 -13.34 13.36
C ALA A 69 7.29 -14.20 13.10
N PHE A 70 7.52 -15.42 12.63
CA PHE A 70 6.45 -16.41 12.53
C PHE A 70 5.93 -16.80 13.90
N THR A 71 4.61 -16.73 14.09
CA THR A 71 3.99 -17.27 15.29
C THR A 71 3.76 -18.77 15.08
N THR A 72 3.38 -19.13 13.86
CA THR A 72 3.17 -20.51 13.47
C THR A 72 4.50 -21.26 13.34
N ARG A 73 4.57 -22.46 13.88
CA ARG A 73 5.77 -23.29 13.72
C ARG A 73 5.92 -23.67 12.26
N ILE A 74 7.14 -23.53 11.74
CA ILE A 74 7.42 -23.82 10.34
C ILE A 74 8.81 -24.43 10.20
N TYR A 75 8.94 -25.36 9.25
CA TYR A 75 10.18 -26.09 9.01
C TYR A 75 10.95 -25.44 7.86
N HIS A 76 12.08 -24.82 8.17
CA HIS A 76 12.77 -23.97 7.20
C HIS A 76 14.18 -23.62 7.70
N PRO A 77 15.15 -23.59 6.79
CA PRO A 77 16.54 -23.32 7.19
C PRO A 77 16.80 -21.87 7.60
N ASN A 78 15.88 -20.96 7.27
CA ASN A 78 16.07 -19.55 7.61
C ASN A 78 15.06 -19.05 8.64
N ILE A 79 14.32 -20.00 9.23
CA ILE A 79 13.36 -19.71 10.29
C ILE A 79 13.56 -20.69 11.44
N ASN A 80 13.88 -20.20 12.64
CA ASN A 80 14.10 -21.10 13.76
C ASN A 80 12.83 -21.42 14.55
N SER A 81 12.98 -22.21 15.61
CA SER A 81 11.86 -22.69 16.40
C SER A 81 11.10 -21.57 17.09
N ASN A 82 11.71 -20.41 17.18
CA ASN A 82 11.10 -19.27 17.86
C ASN A 82 10.36 -18.35 16.89
N GLY A 83 10.48 -18.62 15.60
CA GLY A 83 9.84 -17.80 14.59
C GLY A 83 10.75 -16.75 13.97
N SER A 84 11.96 -16.60 14.52
CA SER A 84 12.91 -15.61 14.03
C SER A 84 13.25 -15.87 12.56
N ILE A 85 13.21 -14.81 11.76
CA ILE A 85 13.42 -14.95 10.32
C ILE A 85 14.77 -14.40 9.90
N SER A 86 15.54 -15.18 9.18
CA SER A 86 16.80 -14.74 8.69
C SER A 86 16.60 -14.19 7.32
N LEU A 87 16.55 -12.88 7.22
CA LEU A 87 16.32 -12.14 5.98
C LEU A 87 17.01 -10.78 6.05
N ASP A 88 17.85 -10.48 5.07
CA ASP A 88 18.73 -9.32 5.13
C ASP A 88 18.00 -7.97 5.23
N ILE A 89 16.82 -7.86 4.64
CA ILE A 89 16.10 -6.59 4.66
C ILE A 89 15.42 -6.33 6.00
N LEU A 90 15.38 -7.34 6.86
CA LEU A 90 14.88 -7.16 8.22
C LEU A 90 16.01 -6.78 9.15
N ARG A 91 17.19 -6.67 8.58
CA ARG A 91 18.40 -6.36 9.30
C ARG A 91 19.17 -5.23 8.68
N SER A 92 20.38 -5.50 8.24
CA SER A 92 21.32 -4.48 7.81
C SER A 92 20.96 -3.92 6.44
N GLN A 93 20.25 -4.70 5.63
CA GLN A 93 19.85 -4.24 4.32
C GLN A 93 18.45 -3.65 4.31
N TRP A 94 17.97 -3.27 5.49
CA TRP A 94 16.68 -2.58 5.59
C TRP A 94 16.76 -1.23 4.90
N SER A 95 15.67 -0.83 4.24
CA SER A 95 15.58 0.50 3.66
C SER A 95 14.26 1.14 4.03
N PRO A 96 14.29 2.46 4.26
CA PRO A 96 13.06 3.19 4.62
C PRO A 96 12.06 3.27 3.46
N ALA A 97 12.44 2.78 2.29
CA ALA A 97 11.53 2.80 1.15
C ALA A 97 10.68 1.54 1.14
N LEU A 98 11.20 0.47 1.76
CA LEU A 98 10.47 -0.78 1.90
C LEU A 98 9.23 -0.62 2.76
N THR A 99 8.16 -1.31 2.37
CA THR A 99 6.94 -1.33 3.16
C THR A 99 6.72 -2.71 3.75
N ILE A 100 5.79 -2.82 4.69
CA ILE A 100 5.43 -4.11 5.26
C ILE A 100 4.93 -5.06 4.17
N SER A 101 4.22 -4.51 3.19
CA SER A 101 3.70 -5.29 2.08
C SER A 101 4.84 -5.92 1.27
N LYS A 102 5.95 -5.20 1.14
CA LYS A 102 7.09 -5.73 0.41
C LYS A 102 7.87 -6.73 1.27
N VAL A 103 7.90 -6.50 2.58
CA VAL A 103 8.54 -7.43 3.50
C VAL A 103 7.87 -8.80 3.42
N LEU A 104 6.54 -8.80 3.41
CA LEU A 104 5.78 -10.04 3.31
C LEU A 104 6.06 -10.78 2.02
N LEU A 105 6.17 -10.05 0.91
CA LEU A 105 6.53 -10.65 -0.36
C LEU A 105 7.90 -11.28 -0.32
N SER A 106 8.85 -10.64 0.36
CA SER A 106 10.20 -11.21 0.50
C SER A 106 10.13 -12.52 1.27
N ILE A 107 9.44 -12.48 2.40
CA ILE A 107 9.27 -13.65 3.24
C ILE A 107 8.62 -14.77 2.44
N CYS A 108 7.61 -14.41 1.66
CA CYS A 108 6.89 -15.37 0.84
C CYS A 108 7.82 -16.09 -0.14
N SER A 109 8.69 -15.34 -0.80
CA SER A 109 9.59 -15.93 -1.79
C SER A 109 10.77 -16.65 -1.13
N LEU A 110 11.04 -16.31 0.13
CA LEU A 110 12.02 -17.06 0.93
C LEU A 110 11.50 -18.47 1.19
N LEU A 111 10.18 -18.60 1.35
CA LEU A 111 9.54 -19.89 1.52
C LEU A 111 9.63 -20.72 0.23
N CYS A 112 9.55 -20.03 -0.89
CA CYS A 112 9.61 -20.68 -2.18
C CYS A 112 11.05 -21.08 -2.51
N ASP A 113 11.99 -20.20 -2.15
CA ASP A 113 13.42 -20.44 -2.40
C ASP A 113 14.27 -20.05 -1.20
N PRO A 114 14.53 -21.01 -0.29
CA PRO A 114 15.34 -20.77 0.90
C PRO A 114 16.80 -20.44 0.58
N ASN A 115 17.50 -19.87 1.56
CA ASN A 115 18.92 -19.56 1.41
C ASN A 115 19.75 -20.36 2.41
N PRO A 116 20.04 -21.63 2.08
CA PRO A 116 20.73 -22.55 3.00
C PRO A 116 22.12 -22.06 3.38
N ASP A 117 22.74 -21.26 2.53
CA ASP A 117 24.07 -20.73 2.82
C ASP A 117 24.00 -19.63 3.87
N ASP A 118 22.78 -19.33 4.32
CA ASP A 118 22.56 -18.35 5.36
C ASP A 118 21.71 -18.98 6.48
N PRO A 119 22.26 -20.03 7.12
CA PRO A 119 21.44 -20.88 8.00
C PRO A 119 21.15 -20.27 9.35
N LEU A 120 19.95 -20.54 9.86
CA LEU A 120 19.60 -20.19 11.23
C LEU A 120 19.27 -21.48 11.95
N VAL A 121 18.86 -22.48 11.17
CA VAL A 121 18.77 -23.85 11.66
C VAL A 121 19.69 -24.72 10.81
N PRO A 122 20.98 -24.76 11.18
CA PRO A 122 22.03 -25.45 10.41
C PRO A 122 21.71 -26.91 10.07
N GLU A 123 20.87 -27.57 10.88
CA GLU A 123 20.54 -28.96 10.62
C GLU A 123 19.54 -29.11 9.47
N ILE A 124 18.56 -28.20 9.42
CA ILE A 124 17.61 -28.19 8.31
C ILE A 124 18.32 -27.75 7.04
N ALA A 125 19.30 -26.85 7.18
CA ALA A 125 20.08 -26.39 6.04
C ALA A 125 20.83 -27.56 5.41
N ARG A 126 21.44 -28.40 6.26
CA ARG A 126 22.16 -29.57 5.79
C ARG A 126 21.26 -30.50 4.99
N ILE A 127 20.12 -30.83 5.58
CA ILE A 127 19.15 -31.72 4.94
C ILE A 127 18.68 -31.14 3.60
N TYR A 128 18.49 -29.82 3.57
CA TYR A 128 18.03 -29.15 2.37
C TYR A 128 19.05 -29.25 1.23
N LYS A 129 20.32 -29.36 1.57
CA LYS A 129 21.38 -29.37 0.57
C LYS A 129 21.85 -30.78 0.20
N THR A 130 21.62 -31.75 1.07
CA THR A 130 22.06 -33.11 0.80
C THR A 130 20.91 -34.06 0.54
N ASP A 131 19.68 -33.61 0.81
CA ASP A 131 18.53 -34.50 0.67
C ASP A 131 17.19 -33.73 0.56
N ARG A 132 16.91 -33.18 -0.60
CA ARG A 132 15.70 -32.38 -0.81
C ARG A 132 14.41 -33.15 -0.56
N GLU A 133 14.35 -34.40 -0.99
CA GLU A 133 13.16 -35.22 -0.82
C GLU A 133 12.78 -35.28 0.66
N LYS A 134 13.79 -35.38 1.53
CA LYS A 134 13.58 -35.43 2.96
C LYS A 134 13.08 -34.07 3.43
N TYR A 135 13.76 -33.02 2.97
CA TYR A 135 13.38 -31.66 3.31
C TYR A 135 11.93 -31.39 2.95
N ASN A 136 11.58 -31.64 1.69
CA ASN A 136 10.23 -31.41 1.22
C ASN A 136 9.21 -32.21 2.00
N ARG A 137 9.50 -33.51 2.20
CA ARG A 137 8.62 -34.41 2.93
CA ARG A 137 8.62 -34.40 2.92
C ARG A 137 8.28 -33.87 4.31
N ILE A 138 9.31 -33.48 5.06
CA ILE A 138 9.14 -32.99 6.43
C ILE A 138 8.42 -31.65 6.52
N ALA A 139 8.86 -30.67 5.73
CA ALA A 139 8.23 -29.36 5.73
C ALA A 139 6.75 -29.45 5.39
N ARG A 140 6.41 -30.33 4.45
CA ARG A 140 5.04 -30.53 4.04
C ARG A 140 4.20 -31.11 5.18
N GLU A 141 4.83 -31.96 5.97
CA GLU A 141 4.16 -32.58 7.12
C GLU A 141 4.02 -31.61 8.28
N TRP A 142 5.04 -30.78 8.51
CA TRP A 142 4.94 -29.72 9.51
C TRP A 142 3.81 -28.76 9.15
N THR A 143 3.65 -28.50 7.86
CA THR A 143 2.60 -27.64 7.35
C THR A 143 1.23 -28.21 7.70
N GLN A 144 1.06 -29.51 7.51
CA GLN A 144 -0.18 -30.19 7.88
C GLN A 144 -0.47 -30.03 9.36
N LYS A 145 0.58 -30.12 10.18
CA LYS A 145 0.42 -30.14 11.62
C LYS A 145 0.19 -28.75 12.23
N TYR A 146 0.85 -27.72 11.70
CA TYR A 146 0.84 -26.43 12.37
C TYR A 146 0.18 -25.31 11.57
N ALA A 147 0.13 -25.44 10.25
CA ALA A 147 -0.45 -24.39 9.42
C ALA A 147 -1.96 -24.57 9.25
N MET A 148 -2.68 -23.47 9.44
CA MET A 148 -4.14 -23.47 9.38
C MET A 148 -4.67 -23.94 8.03
N ARG B 4 23.11 20.42 -25.83
CA ARG B 4 23.19 19.60 -24.63
C ARG B 4 23.10 18.11 -24.95
N ASN B 5 23.81 17.31 -24.17
CA ASN B 5 23.88 15.86 -24.38
C ASN B 5 22.53 15.17 -24.12
N PRO B 6 22.02 14.45 -25.13
CA PRO B 6 20.75 13.73 -25.08
C PRO B 6 20.81 12.52 -24.13
N PHE B 7 22.00 11.93 -24.00
CA PHE B 7 22.20 10.80 -23.11
C PHE B 7 22.11 11.23 -21.65
N ASP B 8 22.28 12.53 -21.41
CA ASP B 8 22.06 13.09 -20.08
C ASP B 8 20.57 13.34 -19.88
N ILE B 9 20.04 12.85 -18.77
CA ILE B 9 18.61 12.93 -18.50
C ILE B 9 18.28 14.02 -17.49
N ASP B 10 17.36 14.90 -17.85
CA ASP B 10 16.80 15.85 -16.89
C ASP B 10 15.60 15.22 -16.20
N HIS B 11 15.82 14.74 -14.98
CA HIS B 11 14.78 14.02 -14.27
C HIS B 11 13.67 14.93 -13.73
N LYS B 12 13.99 16.21 -13.54
CA LYS B 12 13.02 17.15 -12.99
C LYS B 12 11.83 17.33 -13.93
N SER B 13 12.11 17.68 -15.19
CA SER B 13 11.04 17.88 -16.17
C SER B 13 10.31 16.57 -16.44
N LYS B 14 11.03 15.46 -16.33
CA LYS B 14 10.45 14.14 -16.52
C LYS B 14 9.49 13.81 -15.37
N TYR B 15 9.97 14.01 -14.15
CA TYR B 15 9.19 13.73 -12.94
C TYR B 15 7.92 14.57 -12.91
N LEU B 16 8.06 15.87 -13.16
CA LEU B 16 6.94 16.81 -13.16
C LEU B 16 5.86 16.36 -14.12
N ARG B 17 6.28 16.01 -15.33
CA ARG B 17 5.35 15.60 -16.38
C ARG B 17 4.56 14.36 -15.95
N GLU B 18 5.24 13.38 -15.37
CA GLU B 18 4.58 12.16 -14.94
C GLU B 18 3.74 12.36 -13.68
N ALA B 19 4.17 13.31 -12.84
CA ALA B 19 3.44 13.61 -11.61
C ALA B 19 2.12 14.32 -11.93
N ALA B 20 2.16 15.24 -12.89
CA ALA B 20 0.97 15.95 -13.33
C ALA B 20 -0.08 14.96 -13.85
N LEU B 21 0.35 14.02 -14.68
CA LEU B 21 -0.54 13.02 -15.21
C LEU B 21 -1.18 12.22 -14.09
N GLU B 22 -0.34 11.69 -13.21
CA GLU B 22 -0.80 10.86 -12.11
C GLU B 22 -1.82 11.61 -11.26
N ALA B 23 -1.57 12.91 -11.05
CA ALA B 23 -2.47 13.75 -10.26
C ALA B 23 -3.81 13.95 -10.95
N ASN B 24 -3.77 14.11 -12.27
CA ASN B 24 -4.98 14.30 -13.07
C ASN B 24 -5.82 13.03 -13.12
N LEU B 25 -5.17 11.88 -13.04
CA LEU B 25 -5.85 10.60 -13.11
C LEU B 25 -6.25 10.09 -11.74
N SER B 26 -5.83 10.79 -10.69
CA SER B 26 -6.00 10.31 -9.34
C SER B 26 -7.30 10.77 -8.69
N HIS B 27 -8.04 9.83 -8.12
CA HIS B 27 -9.22 10.12 -7.30
C HIS B 27 -8.82 10.97 -6.10
N PRO B 28 -9.59 12.02 -5.82
CA PRO B 28 -9.26 13.00 -4.76
C PRO B 28 -9.17 12.39 -3.35
N GLU B 29 -9.80 11.25 -3.12
CA GLU B 29 -9.65 10.57 -1.84
C GLU B 29 -8.26 9.94 -1.74
N THR B 30 -7.69 9.62 -2.89
CA THR B 30 -6.39 8.97 -2.97
C THR B 30 -5.26 9.99 -3.14
N THR B 31 -4.26 9.93 -2.27
CA THR B 31 -3.09 10.78 -2.40
C THR B 31 -2.07 10.14 -3.34
N PRO B 32 -1.79 10.78 -4.49
CA PRO B 32 -0.97 10.21 -5.56
C PRO B 32 0.47 9.94 -5.14
N THR B 33 0.99 8.79 -5.55
CA THR B 33 2.26 8.28 -5.07
C THR B 33 3.44 9.23 -5.23
N LEU B 35 3.56 12.30 -5.44
CA LEU B 35 3.41 13.56 -4.71
C LEU B 35 3.72 13.32 -3.23
N THR B 36 4.07 12.09 -2.89
CA THR B 36 4.37 11.74 -1.50
C THR B 36 5.81 11.30 -1.33
N CYS B 37 6.36 11.58 -0.15
CA CYS B 37 7.72 11.15 0.17
C CYS B 37 7.75 9.65 0.44
N PRO B 38 8.61 8.92 -0.29
CA PRO B 38 8.76 7.46 -0.12
C PRO B 38 9.08 7.08 1.32
N ILE B 39 9.71 8.00 2.04
CA ILE B 39 10.14 7.75 3.41
C ILE B 39 9.07 8.10 4.44
N ASP B 40 8.57 9.33 4.43
CA ASP B 40 7.62 9.74 5.47
C ASP B 40 6.15 9.57 5.08
N SER B 41 5.92 9.12 3.84
CA SER B 41 4.58 8.78 3.33
C SER B 41 3.64 9.99 3.20
N GLY B 42 4.11 11.15 3.61
CA GLY B 42 3.29 12.36 3.55
C GLY B 42 3.53 13.17 2.29
N PHE B 43 2.78 14.25 2.14
CA PHE B 43 2.95 15.16 1.02
C PHE B 43 4.36 15.69 0.96
N LEU B 44 4.94 15.71 -0.24
CA LEU B 44 6.24 16.32 -0.43
C LEU B 44 6.14 17.82 -0.18
N LYS B 45 6.80 18.28 0.88
CA LYS B 45 6.66 19.67 1.33
C LYS B 45 7.95 20.46 1.15
N ASP B 46 9.08 19.79 1.38
CA ASP B 46 10.38 20.35 0.98
C ASP B 46 11.10 19.32 0.12
N PRO B 47 10.68 19.19 -1.15
CA PRO B 47 11.19 18.16 -2.06
C PRO B 47 12.59 18.40 -2.57
N VAL B 48 13.43 17.38 -2.47
CA VAL B 48 14.76 17.39 -3.07
C VAL B 48 14.87 16.18 -4.00
N ILE B 49 15.70 16.30 -5.03
CA ILE B 49 15.82 15.22 -6.02
C ILE B 49 17.27 14.74 -6.14
N THR B 50 17.42 13.42 -6.30
CA THR B 50 18.72 12.79 -6.41
C THR B 50 19.14 12.68 -7.88
N PRO B 51 20.46 12.53 -8.14
CA PRO B 51 20.96 12.35 -9.51
C PRO B 51 20.27 11.22 -10.27
N GLU B 52 19.78 10.21 -9.57
CA GLU B 52 19.07 9.11 -10.21
C GLU B 52 17.63 9.50 -10.55
N GLY B 53 17.12 10.54 -9.89
CA GLY B 53 15.80 11.05 -10.18
C GLY B 53 14.77 10.82 -9.10
N PHE B 54 15.19 10.30 -7.95
CA PHE B 54 14.27 10.02 -6.85
C PHE B 54 14.02 11.27 -6.02
N VAL B 55 12.79 11.40 -5.54
CA VAL B 55 12.40 12.60 -4.82
C VAL B 55 11.98 12.28 -3.40
N TYR B 56 12.51 13.04 -2.45
CA TYR B 56 12.18 12.88 -1.04
C TYR B 56 12.01 14.23 -0.37
N ASN B 57 11.28 14.25 0.75
CA ASN B 57 11.32 15.42 1.61
C ASN B 57 12.73 15.56 2.18
N LYS B 58 13.23 16.79 2.23
CA LYS B 58 14.63 17.00 2.58
C LYS B 58 14.97 16.46 3.96
N SER B 59 14.15 16.79 4.95
CA SER B 59 14.40 16.34 6.32
C SER B 59 14.42 14.82 6.43
N SER B 60 13.60 14.15 5.62
CA SER B 60 13.47 12.70 5.69
C SER B 60 14.68 11.98 5.10
N ILE B 61 15.11 12.39 3.91
CA ILE B 61 16.24 11.74 3.25
C ILE B 61 17.53 12.01 4.04
N LEU B 62 17.66 13.20 4.62
CA LEU B 62 18.83 13.53 5.42
C LEU B 62 18.89 12.69 6.70
N LYS B 63 17.72 12.45 7.30
CA LYS B 63 17.64 11.61 8.50
C LYS B 63 18.14 10.21 8.19
N TRP B 64 17.80 9.71 7.01
CA TRP B 64 18.24 8.40 6.57
C TRP B 64 19.74 8.39 6.30
N LEU B 65 20.26 9.49 5.75
CA LEU B 65 21.66 9.56 5.39
C LEU B 65 22.58 9.48 6.60
N GLU B 66 22.01 9.67 7.79
CA GLU B 66 22.77 9.51 9.03
C GLU B 66 23.07 8.03 9.29
N THR B 67 22.21 7.16 8.77
CA THR B 67 22.36 5.73 8.93
C THR B 67 23.22 5.14 7.82
N LYS B 68 22.76 5.30 6.59
CA LYS B 68 23.51 4.83 5.43
C LYS B 68 23.69 5.96 4.42
N LYS B 69 24.79 5.92 3.69
CA LYS B 69 25.03 6.89 2.63
C LYS B 69 24.65 6.31 1.27
N GLU B 70 23.47 5.71 1.20
CA GLU B 70 22.96 5.20 -0.07
C GLU B 70 21.49 5.55 -0.26
N ASP B 71 21.04 5.54 -1.51
CA ASP B 71 19.66 5.90 -1.83
C ASP B 71 18.73 4.79 -1.38
N PRO B 72 17.65 5.15 -0.69
CA PRO B 72 16.74 4.15 -0.10
C PRO B 72 16.02 3.29 -1.14
N GLN B 73 16.04 3.68 -2.41
CA GLN B 73 15.35 2.93 -3.45
C GLN B 73 16.29 2.15 -4.38
N SER B 74 17.48 2.67 -4.60
CA SER B 74 18.44 2.05 -5.52
C SER B 74 19.62 1.41 -4.81
N ARG B 75 19.79 1.77 -3.53
CA ARG B 75 20.91 1.32 -2.72
CA ARG B 75 20.92 1.32 -2.72
C ARG B 75 22.26 1.76 -3.30
N LYS B 76 22.21 2.70 -4.23
CA LYS B 76 23.43 3.27 -4.81
C LYS B 76 23.90 4.42 -3.91
N PRO B 77 25.20 4.71 -3.92
CA PRO B 77 25.81 5.78 -3.12
C PRO B 77 25.05 7.11 -3.20
N LEU B 78 24.79 7.70 -2.04
CA LEU B 78 24.09 8.97 -1.97
C LEU B 78 24.51 9.78 -0.75
N THR B 79 24.82 11.05 -0.96
CA THR B 79 25.18 11.97 0.12
C THR B 79 24.42 13.28 -0.01
N ALA B 80 24.50 14.10 1.03
CA ALA B 80 23.71 15.33 1.12
C ALA B 80 23.96 16.29 -0.04
N LYS B 81 25.19 16.28 -0.55
CA LYS B 81 25.56 17.21 -1.61
C LYS B 81 24.99 16.78 -2.98
N ASP B 82 24.41 15.59 -3.04
CA ASP B 82 23.79 15.11 -4.27
C ASP B 82 22.32 15.48 -4.30
N LEU B 83 21.83 16.15 -3.25
CA LEU B 83 20.42 16.49 -3.16
C LEU B 83 20.13 17.87 -3.74
N GLN B 84 19.55 17.89 -4.93
CA GLN B 84 19.17 19.12 -5.61
C GLN B 84 17.79 19.58 -5.16
N PRO B 85 17.65 20.88 -4.88
CA PRO B 85 16.33 21.46 -4.58
C PRO B 85 15.36 21.24 -5.72
N PHE B 86 14.15 20.79 -5.40
CA PHE B 86 13.13 20.55 -6.41
C PHE B 86 11.82 21.26 -6.03
N PRO B 87 11.84 22.60 -5.91
CA PRO B 87 10.65 23.32 -5.44
C PRO B 87 9.50 23.34 -6.46
N GLU B 88 9.82 23.10 -7.73
CA GLU B 88 8.83 23.12 -8.79
C GLU B 88 7.67 22.16 -8.53
N LEU B 89 7.98 21.01 -7.92
CA LEU B 89 6.99 19.96 -7.71
C LEU B 89 5.84 20.43 -6.83
N LEU B 90 6.11 21.43 -5.99
CA LEU B 90 5.12 21.92 -5.05
C LEU B 90 3.91 22.52 -5.75
N ILE B 91 4.13 23.00 -6.98
CA ILE B 91 3.05 23.54 -7.80
C ILE B 91 2.01 22.46 -8.12
N ILE B 92 2.48 21.23 -8.31
CA ILE B 92 1.59 20.12 -8.60
C ILE B 92 0.92 19.61 -7.32
N VAL B 93 1.64 19.64 -6.22
CA VAL B 93 1.08 19.26 -4.92
C VAL B 93 -0.07 20.19 -4.54
N ASN B 94 0.18 21.50 -4.55
CA ASN B 94 -0.85 22.46 -4.21
C ASN B 94 -2.03 22.33 -5.15
N ARG B 95 -1.75 22.00 -6.39
CA ARG B 95 -2.77 21.84 -7.42
C ARG B 95 -3.71 20.70 -7.04
N PHE B 96 -3.15 19.70 -6.38
CA PHE B 96 -3.94 18.53 -6.01
C PHE B 96 -4.73 18.74 -4.73
N VAL B 97 -4.12 19.36 -3.73
CA VAL B 97 -4.83 19.62 -2.47
C VAL B 97 -5.99 20.57 -2.72
N GLU B 98 -5.88 21.36 -3.78
CA GLU B 98 -6.96 22.23 -4.21
C GLU B 98 -8.11 21.37 -4.71
N THR B 99 -7.77 20.36 -5.50
CA THR B 99 -8.75 19.40 -6.00
C THR B 99 -9.44 18.68 -4.84
N GLN B 100 -8.65 18.25 -3.87
CA GLN B 100 -9.19 17.60 -2.68
C GLN B 100 -10.16 18.51 -1.94
N THR B 101 -9.77 19.77 -1.78
CA THR B 101 -10.62 20.72 -1.08
C THR B 101 -11.94 20.89 -1.81
N ASN B 102 -11.86 21.18 -3.11
CA ASN B 102 -13.05 21.33 -3.93
C ASN B 102 -13.94 20.10 -3.87
N TYR B 103 -13.31 18.93 -3.93
CA TYR B 103 -14.03 17.67 -3.83
C TYR B 103 -14.74 17.54 -2.49
N GLU B 104 -14.17 18.15 -1.46
CA GLU B 104 -14.76 18.07 -0.14
C GLU B 104 -15.94 19.03 -0.05
N LYS B 105 -15.90 20.11 -0.82
CA LYS B 105 -17.03 21.02 -0.93
C LYS B 105 -18.22 20.31 -1.57
N LEU B 106 -17.95 19.59 -2.66
CA LEU B 106 -18.96 18.84 -3.39
C LEU B 106 -19.74 17.86 -2.52
N LYS B 107 -19.04 17.14 -1.65
CA LYS B 107 -19.69 16.18 -0.77
C LYS B 107 -20.58 16.89 0.24
N ASN B 108 -20.08 17.99 0.81
CA ASN B 108 -20.84 18.76 1.79
C ASN B 108 -22.14 19.33 1.22
N ARG B 109 -22.08 19.78 -0.04
CA ARG B 109 -23.25 20.33 -0.68
C ARG B 109 -24.30 19.24 -0.91
N LEU B 110 -23.84 18.07 -1.36
CA LEU B 110 -24.74 16.93 -1.59
C LEU B 110 -25.40 16.48 -0.31
N VAL B 111 -24.63 16.40 0.76
CA VAL B 111 -25.13 15.99 2.06
C VAL B 111 -26.19 16.96 2.59
N GLN B 112 -25.91 18.25 2.49
CA GLN B 112 -26.74 19.22 3.19
C GLN B 112 -28.11 19.43 2.56
N ASN B 113 -28.20 19.39 1.23
CA ASN B 113 -29.53 19.50 0.62
C ASN B 113 -30.21 18.14 0.55
N ALA B 114 -29.46 17.07 0.85
CA ALA B 114 -30.06 15.76 1.06
C ALA B 114 -30.70 15.71 2.44
N ARG B 115 -30.27 16.59 3.32
CA ARG B 115 -30.86 16.76 4.61
C ARG B 115 -32.10 17.61 4.52
N VAL B 116 -32.09 18.58 3.64
CA VAL B 116 -33.23 19.43 3.36
C VAL B 116 -34.33 18.64 2.67
N ALA B 117 -33.94 17.82 1.70
CA ALA B 117 -34.90 17.03 0.93
C ALA B 117 -35.59 16.00 1.81
N ALA B 118 -34.86 15.46 2.78
CA ALA B 118 -35.37 14.38 3.62
C ALA B 118 -36.49 14.84 4.57
N ARG B 119 -36.54 16.14 4.85
CA ARG B 119 -37.50 16.66 5.81
C ARG B 119 -38.80 17.11 5.15
N GLN B 120 -38.85 17.01 3.83
CA GLN B 120 -40.08 17.26 3.10
C GLN B 120 -41.01 16.06 3.22
N LYS B 121 -42.29 16.30 3.47
CA LYS B 121 -43.24 15.20 3.46
C LYS B 121 -44.15 15.29 2.25
N GLU B 122 -44.69 14.15 1.84
CA GLU B 122 -45.69 14.09 0.78
C GLU B 122 -45.19 14.61 -0.55
N TYR B 123 -44.04 14.16 -1.00
CA TYR B 123 -43.64 14.43 -2.36
C TYR B 123 -44.29 13.42 -3.28
N THR B 124 -44.75 13.83 -4.44
CA THR B 124 -45.28 12.90 -5.42
C THR B 124 -44.10 12.31 -6.19
N GLU B 125 -43.00 13.06 -6.29
CA GLU B 125 -41.76 12.54 -6.86
C GLU B 125 -40.64 12.46 -5.82
N ILE B 126 -39.98 11.31 -5.75
CA ILE B 126 -38.79 11.16 -4.92
C ILE B 126 -37.71 12.15 -5.37
N PRO B 127 -37.16 12.94 -4.43
CA PRO B 127 -36.09 13.90 -4.72
C PRO B 127 -34.92 13.25 -5.47
N ASP B 128 -34.37 13.96 -6.45
CA ASP B 128 -33.34 13.39 -7.32
C ASP B 128 -32.07 13.04 -6.55
N ILE B 129 -31.84 13.74 -5.45
CA ILE B 129 -30.70 13.49 -4.59
C ILE B 129 -30.74 12.06 -4.05
N PHE B 130 -31.93 11.44 -4.08
CA PHE B 130 -32.13 10.10 -3.55
C PHE B 130 -32.29 9.05 -4.64
N LEU B 131 -32.37 9.51 -5.90
CA LEU B 131 -32.58 8.61 -7.03
C LEU B 131 -31.26 8.34 -7.77
N CYS B 132 -31.13 7.13 -8.29
CA CYS B 132 -29.96 6.76 -9.10
C CYS B 132 -30.16 7.12 -10.56
N PRO B 133 -29.16 7.81 -11.16
CA PRO B 133 -29.24 8.28 -12.54
C PRO B 133 -29.41 7.16 -13.59
N ILE B 134 -28.88 5.98 -13.32
CA ILE B 134 -29.00 4.87 -14.27
C ILE B 134 -29.91 3.76 -13.76
N SER B 135 -30.63 4.05 -12.67
CA SER B 135 -31.58 3.09 -12.13
C SER B 135 -32.95 3.73 -11.95
N LYS B 136 -32.94 5.05 -11.71
CA LYS B 136 -34.15 5.85 -11.54
C LYS B 136 -34.99 5.39 -10.35
N THR B 137 -34.37 4.61 -9.47
CA THR B 137 -35.02 4.18 -8.24
C THR B 137 -34.26 4.75 -7.04
N LEU B 138 -34.74 4.43 -5.84
CA LEU B 138 -34.06 4.83 -4.63
C LEU B 138 -32.68 4.20 -4.54
N ILE B 139 -31.66 5.04 -4.34
CA ILE B 139 -30.32 4.53 -4.13
C ILE B 139 -30.27 3.74 -2.83
N LYS B 140 -30.07 2.44 -2.96
CA LYS B 140 -30.03 1.58 -1.77
C LYS B 140 -28.67 1.65 -1.11
N THR B 141 -27.61 1.55 -1.90
CA THR B 141 -26.25 1.70 -1.37
C THR B 141 -25.53 2.84 -2.08
N PRO B 142 -25.45 4.01 -1.42
CA PRO B 142 -24.87 5.25 -1.95
C PRO B 142 -23.41 5.13 -2.32
N VAL B 143 -23.02 5.67 -3.47
CA VAL B 143 -21.66 5.51 -3.96
C VAL B 143 -21.29 6.71 -4.84
N ILE B 144 -20.09 7.25 -4.66
CA ILE B 144 -19.76 8.57 -5.21
C ILE B 144 -18.57 8.57 -6.17
N THR B 145 -18.72 9.28 -7.29
CA THR B 145 -17.64 9.40 -8.26
C THR B 145 -16.57 10.40 -7.79
N ALA B 146 -15.55 10.60 -8.63
CA ALA B 146 -14.50 11.55 -8.30
C ALA B 146 -14.93 12.97 -8.65
N GLN B 147 -15.94 13.09 -9.51
CA GLN B 147 -16.43 14.39 -9.90
C GLN B 147 -17.59 14.78 -8.99
N GLY B 148 -18.28 13.80 -8.42
CA GLY B 148 -19.32 14.08 -7.44
C GLY B 148 -20.72 13.68 -7.82
N LYS B 149 -20.86 12.66 -8.66
CA LYS B 149 -22.17 12.11 -9.00
C LYS B 149 -22.43 10.86 -8.16
N VAL B 150 -23.67 10.69 -7.72
CA VAL B 150 -23.99 9.60 -6.80
C VAL B 150 -24.83 8.50 -7.45
N TYR B 151 -24.30 7.29 -7.40
CA TYR B 151 -24.97 6.12 -7.98
C TYR B 151 -25.35 5.10 -6.91
N ASP B 152 -26.04 4.04 -7.34
CA ASP B 152 -26.24 2.86 -6.51
C ASP B 152 -25.14 1.85 -6.83
N GLN B 153 -24.44 1.39 -5.79
CA GLN B 153 -23.20 0.63 -5.94
C GLN B 153 -23.29 -0.56 -6.90
N GLU B 154 -24.49 -1.13 -7.04
CA GLU B 154 -24.65 -2.31 -7.87
C GLU B 154 -25.51 -2.05 -9.10
N ALA B 155 -26.27 -0.96 -9.07
CA ALA B 155 -26.95 -0.50 -10.27
C ALA B 155 -25.91 -0.01 -11.27
N LEU B 156 -24.79 0.45 -10.73
CA LEU B 156 -23.66 0.89 -11.53
C LEU B 156 -22.72 -0.27 -11.84
N SER B 157 -22.51 -1.14 -10.86
CA SER B 157 -21.60 -2.27 -11.00
C SER B 157 -22.03 -3.18 -12.15
N ASN B 158 -23.33 -3.44 -12.24
CA ASN B 158 -23.88 -4.23 -13.33
C ASN B 158 -23.84 -3.46 -14.64
N PHE B 159 -23.90 -2.13 -14.54
CA PHE B 159 -23.89 -1.28 -15.72
C PHE B 159 -22.49 -1.21 -16.33
N LEU B 160 -21.48 -1.08 -15.48
CA LEU B 160 -20.09 -1.03 -15.93
C LEU B 160 -19.68 -2.38 -16.52
N ILE B 161 -20.14 -3.45 -15.90
CA ILE B 161 -19.88 -4.80 -16.40
C ILE B 161 -20.54 -4.99 -17.77
N ALA B 162 -21.72 -4.43 -17.93
CA ALA B 162 -22.49 -4.56 -19.17
C ALA B 162 -21.78 -3.94 -20.37
N THR B 163 -21.32 -2.70 -20.22
CA THR B 163 -20.72 -1.98 -21.34
C THR B 163 -19.21 -1.84 -21.22
N GLY B 164 -18.59 -2.69 -20.39
CA GLY B 164 -17.16 -2.76 -20.28
C GLY B 164 -16.50 -1.56 -19.62
N ASN B 165 -16.89 -1.29 -18.37
CA ASN B 165 -16.36 -0.16 -17.61
C ASN B 165 -16.50 1.19 -18.32
N LYS B 166 -17.65 1.39 -18.94
CA LYS B 166 -18.02 2.70 -19.48
C LYS B 166 -19.37 3.11 -18.89
N ASP B 167 -19.72 4.38 -19.03
CA ASP B 167 -21.02 4.85 -18.55
C ASP B 167 -21.43 6.09 -19.31
N GLU B 168 -22.68 6.54 -19.12
CA GLU B 168 -23.08 7.87 -19.58
C GLU B 168 -22.58 8.88 -18.55
N THR B 169 -21.70 9.82 -18.88
CA THR B 169 -21.32 10.19 -20.24
C THR B 169 -20.11 9.51 -20.92
N GLY B 170 -20.42 8.45 -21.65
CA GLY B 170 -19.47 7.71 -22.47
C GLY B 170 -18.06 7.53 -21.94
N LYS B 171 -17.87 7.78 -20.65
CA LYS B 171 -16.54 7.92 -20.07
C LYS B 171 -16.12 6.70 -19.25
N LYS B 172 -14.84 6.35 -19.42
CA LYS B 172 -14.24 5.22 -18.72
C LYS B 172 -14.33 5.35 -17.20
N LEU B 173 -15.15 4.51 -16.59
CA LEU B 173 -15.28 4.48 -15.14
C LEU B 173 -15.17 3.07 -14.60
N SER B 174 -14.56 2.93 -13.43
CA SER B 174 -14.42 1.65 -12.75
C SER B 174 -14.99 1.75 -11.34
N ILE B 175 -15.44 0.63 -10.77
CA ILE B 175 -16.03 0.65 -9.43
C ILE B 175 -14.98 0.74 -8.30
N ASP B 176 -13.71 0.83 -8.67
CA ASP B 176 -12.63 1.16 -7.74
C ASP B 176 -12.21 2.61 -7.88
N ASP B 177 -12.67 3.25 -8.95
CA ASP B 177 -12.61 4.70 -9.10
C ASP B 177 -13.73 5.38 -8.29
N VAL B 178 -14.42 4.60 -7.46
CA VAL B 178 -15.60 5.09 -6.76
C VAL B 178 -15.56 4.71 -5.27
N VAL B 179 -15.92 5.66 -4.41
CA VAL B 179 -15.88 5.45 -2.95
C VAL B 179 -17.29 5.33 -2.38
N VAL B 180 -17.45 4.49 -1.35
CA VAL B 180 -18.73 4.37 -0.66
C VAL B 180 -19.06 5.72 0.00
N PHE B 181 -20.35 6.05 0.05
CA PHE B 181 -20.77 7.39 0.47
C PHE B 181 -22.05 7.32 1.28
N ASP B 182 -22.03 6.63 2.41
CA ASP B 182 -23.20 6.49 3.27
C ASP B 182 -23.63 7.82 3.87
N GLU B 183 -22.70 8.77 3.91
CA GLU B 183 -22.91 10.06 4.54
C GLU B 183 -24.02 10.88 3.89
N LEU B 184 -24.35 10.54 2.64
CA LEU B 184 -25.43 11.21 1.93
C LEU B 184 -26.77 11.00 2.65
N TYR B 185 -27.02 9.81 3.17
CA TYR B 185 -28.26 9.60 3.89
C TYR B 185 -28.12 9.87 5.36
N GLN B 186 -26.90 9.90 5.86
CA GLN B 186 -26.67 10.15 7.26
C GLN B 186 -27.06 11.55 7.74
#